data_9DA5
#
_entry.id   9DA5
#
_cell.length_a   60.639
_cell.length_b   64.999
_cell.length_c   128.977
_cell.angle_alpha   90.00
_cell.angle_beta   90.00
_cell.angle_gamma   90.00
#
_symmetry.space_group_name_H-M   'C 2 2 21'
#
loop_
_entity.id
_entity.type
_entity.pdbx_description
1 polymer '5-hydroxymethyl-dUMP N-hydrolase'
2 non-polymer '[(3R,4R)-4-hydroxy-1-{[5-(hydroxymethyl)pyridin-3-yl]methyl}pyrrolidin-3-yl]methyl dihydrogen phosphate'
3 water water
#
_entity_poly.entity_id   1
_entity_poly.type   'polypeptide(L)'
_entity_poly.pdbx_seq_one_letter_code
;SMRPALYFCGSIRGGREDRTLYERIVSRLRRFGTVLTEHVAAAELGARGEEAAGGDRLIHEQDLEWLQQADVVVAEVTQP
SLGVGYELGRAVAFNKRILCLFRPQSGRVLSAMIRGAADGSRFQVWDYEEGEVEALLDRYFEADP
;
_entity_poly.pdbx_strand_id   A,B
#
loop_
_chem_comp.id
_chem_comp.type
_chem_comp.name
_chem_comp.formula
A1BBF non-polymer '[(3R,4R)-4-hydroxy-1-{[5-(hydroxymethyl)pyridin-3-yl]methyl}pyrrolidin-3-yl]methyl dihydrogen phosphate' 'C12 H19 N2 O6 P'
#
# COMPACT_ATOMS: atom_id res chain seq x y z
N PRO A 4 -2.82 -17.04 -19.31
CA PRO A 4 -3.06 -15.96 -18.32
C PRO A 4 -2.04 -16.03 -17.16
N ALA A 5 -1.27 -14.95 -16.96
CA ALA A 5 -0.26 -14.89 -15.90
C ALA A 5 -0.83 -14.04 -14.76
N LEU A 6 -0.85 -14.61 -13.56
CA LEU A 6 -1.58 -14.02 -12.43
C LEU A 6 -0.64 -13.70 -11.28
N TYR A 7 -0.76 -12.47 -10.77
CA TYR A 7 -0.01 -12.03 -9.62
C TYR A 7 -0.98 -11.99 -8.43
N PHE A 8 -0.60 -12.63 -7.33
CA PHE A 8 -1.44 -12.66 -6.14
C PHE A 8 -0.82 -11.82 -5.03
N CYS A 9 -1.57 -10.84 -4.51
CA CYS A 9 -1.21 -10.04 -3.35
C CYS A 9 -2.05 -10.41 -2.14
N GLY A 10 -1.39 -10.47 -0.98
CA GLY A 10 -2.07 -10.73 0.27
C GLY A 10 -1.08 -10.56 1.38
N SER A 11 -1.56 -10.06 2.52
CA SER A 11 -0.70 -9.62 3.62
C SER A 11 0.31 -10.69 4.02
N ILE A 12 1.51 -10.25 4.40
CA ILE A 12 2.51 -11.14 5.01
C ILE A 12 3.08 -10.51 6.27
N ARG A 13 3.86 -9.42 6.13
CA ARG A 13 4.38 -8.74 7.31
C ARG A 13 3.33 -7.88 8.01
N GLY A 14 2.20 -7.56 7.35
CA GLY A 14 1.19 -6.81 8.06
C GLY A 14 0.33 -7.67 8.97
N GLY A 15 0.63 -8.98 8.96
CA GLY A 15 -0.12 -10.02 9.65
C GLY A 15 -0.40 -11.17 8.70
N ARG A 16 -0.30 -12.42 9.18
CA ARG A 16 -0.63 -13.61 8.38
C ARG A 16 -1.95 -14.24 8.80
N GLU A 17 -2.86 -13.43 9.33
CA GLU A 17 -4.14 -13.93 9.81
C GLU A 17 -4.87 -14.73 8.75
N ASP A 18 -4.73 -14.38 7.47
CA ASP A 18 -5.54 -14.96 6.39
C ASP A 18 -4.74 -15.88 5.48
N ARG A 19 -3.65 -16.47 5.97
CA ARG A 19 -2.80 -17.28 5.10
C ARG A 19 -3.56 -18.47 4.50
N THR A 20 -4.34 -19.20 5.34
CA THR A 20 -5.08 -20.36 4.83
C THR A 20 -6.02 -19.95 3.70
N LEU A 21 -6.65 -18.78 3.83
CA LEU A 21 -7.51 -18.27 2.76
C LEU A 21 -6.70 -17.95 1.51
N TYR A 22 -5.51 -17.32 1.67
CA TYR A 22 -4.65 -17.03 0.53
C TYR A 22 -4.33 -18.30 -0.25
N GLU A 23 -3.98 -19.35 0.46
CA GLU A 23 -3.74 -20.64 -0.17
C GLU A 23 -4.96 -21.10 -0.97
N ARG A 24 -6.16 -21.06 -0.36
CA ARG A 24 -7.35 -21.33 -1.13
C ARG A 24 -7.39 -20.47 -2.39
N ILE A 25 -7.22 -19.16 -2.23
CA ILE A 25 -7.35 -18.29 -3.39
C ILE A 25 -6.32 -18.65 -4.45
N VAL A 26 -5.10 -18.99 -4.02
CA VAL A 26 -4.08 -19.34 -5.02
C VAL A 26 -4.39 -20.68 -5.69
N SER A 27 -4.77 -21.69 -4.90
CA SER A 27 -5.15 -22.98 -5.48
C SER A 27 -6.17 -22.82 -6.60
N ARG A 28 -7.12 -21.90 -6.45
CA ARG A 28 -8.05 -21.67 -7.54
C ARG A 28 -7.37 -21.01 -8.73
N LEU A 29 -6.57 -19.97 -8.50
CA LEU A 29 -5.92 -19.29 -9.61
C LEU A 29 -5.08 -20.27 -10.44
N ARG A 30 -4.44 -21.27 -9.81
CA ARG A 30 -3.67 -22.24 -10.60
C ARG A 30 -4.55 -23.10 -11.50
N ARG A 31 -5.88 -23.10 -11.32
CA ARG A 31 -6.78 -23.63 -12.33
C ARG A 31 -7.00 -22.67 -13.50
N PHE A 32 -6.44 -21.46 -13.45
CA PHE A 32 -6.65 -20.50 -14.51
C PHE A 32 -5.37 -19.90 -15.10
N GLY A 33 -4.20 -20.25 -14.59
CA GLY A 33 -2.99 -19.73 -15.19
C GLY A 33 -1.82 -20.03 -14.28
N THR A 34 -0.63 -19.61 -14.72
CA THR A 34 0.54 -19.64 -13.83
C THR A 34 0.47 -18.47 -12.85
N VAL A 35 1.00 -18.70 -11.65
CA VAL A 35 0.98 -17.70 -10.58
C VAL A 35 2.43 -17.31 -10.29
N LEU A 36 2.86 -16.17 -10.82
CA LEU A 36 4.26 -15.76 -10.70
C LEU A 36 4.69 -15.68 -9.24
N THR A 37 3.81 -15.21 -8.37
CA THR A 37 4.14 -15.00 -6.97
C THR A 37 4.35 -16.31 -6.21
N GLU A 38 5.18 -16.23 -5.17
CA GLU A 38 5.53 -17.35 -4.30
C GLU A 38 6.00 -18.59 -5.05
N GLY A 54 19.14 -4.56 0.57
CA GLY A 54 19.65 -5.76 1.24
C GLY A 54 18.59 -6.82 1.49
N GLY A 55 18.46 -7.74 0.56
CA GLY A 55 17.52 -8.87 0.70
C GLY A 55 16.05 -8.54 0.61
N ASP A 56 15.60 -7.49 1.30
CA ASP A 56 14.32 -6.90 0.94
C ASP A 56 14.40 -6.24 -0.43
N ARG A 57 15.59 -5.77 -0.80
CA ARG A 57 15.76 -5.22 -2.15
C ARG A 57 15.61 -6.31 -3.22
N LEU A 58 16.03 -7.54 -2.95
CA LEU A 58 15.81 -8.60 -3.93
C LEU A 58 14.33 -8.82 -4.11
N ILE A 59 13.64 -9.06 -2.99
CA ILE A 59 12.19 -9.23 -2.98
C ILE A 59 11.52 -8.09 -3.75
N HIS A 60 11.77 -6.84 -3.35
CA HIS A 60 11.18 -5.71 -4.09
C HIS A 60 11.45 -5.85 -5.58
N GLU A 61 12.71 -6.11 -5.94
CA GLU A 61 13.07 -6.09 -7.34
C GLU A 61 12.42 -7.23 -8.11
N GLN A 62 12.36 -8.42 -7.50
CA GLN A 62 11.79 -9.58 -8.17
C GLN A 62 10.29 -9.42 -8.40
N ASP A 63 9.53 -9.10 -7.33
CA ASP A 63 8.07 -8.96 -7.50
C ASP A 63 7.69 -7.80 -8.40
N LEU A 64 8.49 -6.73 -8.44
CA LEU A 64 8.19 -5.67 -9.40
C LEU A 64 8.28 -6.20 -10.83
N GLU A 65 9.15 -7.17 -11.09
CA GLU A 65 9.23 -7.77 -12.41
C GLU A 65 8.00 -8.64 -12.70
N TRP A 66 7.73 -9.61 -11.82
CA TRP A 66 6.49 -10.39 -11.94
C TRP A 66 5.27 -9.50 -12.08
N LEU A 67 5.21 -8.41 -11.31
CA LEU A 67 4.06 -7.52 -11.38
C LEU A 67 3.91 -6.95 -12.78
N GLN A 68 5.06 -6.62 -13.40
CA GLN A 68 5.06 -6.08 -14.76
C GLN A 68 4.50 -7.06 -15.78
N GLN A 69 4.66 -8.37 -15.54
CA GLN A 69 4.32 -9.46 -16.45
C GLN A 69 2.89 -9.99 -16.33
N ALA A 70 2.16 -9.66 -15.26
CA ALA A 70 0.87 -10.30 -15.00
C ALA A 70 -0.22 -9.79 -15.93
N ASP A 71 -1.19 -10.64 -16.22
CA ASP A 71 -2.36 -10.23 -16.99
C ASP A 71 -3.51 -9.82 -16.10
N VAL A 72 -3.53 -10.36 -14.89
CA VAL A 72 -4.45 -9.97 -13.85
C VAL A 72 -3.69 -9.90 -12.55
N VAL A 73 -3.96 -8.86 -11.76
CA VAL A 73 -3.45 -8.75 -10.39
C VAL A 73 -4.65 -9.02 -9.48
N VAL A 74 -4.64 -10.14 -8.76
CA VAL A 74 -5.69 -10.48 -7.82
C VAL A 74 -5.16 -10.25 -6.42
N ALA A 75 -5.93 -9.52 -5.60
CA ALA A 75 -5.47 -9.14 -4.28
C ALA A 75 -6.57 -9.33 -3.24
N GLU A 76 -6.18 -9.81 -2.06
CA GLU A 76 -7.07 -9.94 -0.92
C GLU A 76 -6.77 -8.79 0.06
N VAL A 77 -7.67 -7.81 0.13
CA VAL A 77 -7.41 -6.55 0.86
C VAL A 77 -8.11 -6.40 2.22
N THR A 78 -8.37 -7.51 2.93
CA THR A 78 -8.99 -7.35 4.25
C THR A 78 -7.96 -6.98 5.29
N GLN A 79 -6.86 -7.74 5.36
CA GLN A 79 -5.81 -7.61 6.35
C GLN A 79 -4.95 -6.43 5.93
N PRO A 80 -4.92 -5.34 6.70
CA PRO A 80 -4.21 -4.15 6.24
C PRO A 80 -2.72 -4.45 6.15
N SER A 81 -2.11 -3.97 5.06
CA SER A 81 -0.72 -4.29 4.72
C SER A 81 -0.15 -3.19 3.82
N LEU A 82 1.03 -2.70 4.17
CA LEU A 82 1.71 -1.76 3.26
C LEU A 82 2.05 -2.45 1.95
N GLY A 83 2.65 -3.65 2.03
CA GLY A 83 3.09 -4.32 0.82
C GLY A 83 2.01 -4.47 -0.23
N VAL A 84 0.85 -4.99 0.17
CA VAL A 84 -0.32 -5.12 -0.72
C VAL A 84 -0.71 -3.78 -1.30
N GLY A 85 -0.79 -2.76 -0.45
CA GLY A 85 -1.11 -1.44 -0.95
C GLY A 85 -0.14 -0.95 -2.01
N TYR A 86 1.15 -1.12 -1.77
CA TYR A 86 2.15 -0.65 -2.72
C TYR A 86 2.10 -1.45 -4.02
N GLU A 87 1.89 -2.77 -3.95
CA GLU A 87 1.76 -3.56 -5.17
C GLU A 87 0.63 -3.05 -6.02
N LEU A 88 -0.51 -2.75 -5.39
CA LEU A 88 -1.64 -2.16 -6.10
C LEU A 88 -1.28 -0.79 -6.71
N GLY A 89 -0.52 0.04 -5.98
CA GLY A 89 -0.15 1.34 -6.53
C GLY A 89 0.71 1.25 -7.79
N ARG A 90 1.72 0.37 -7.76
CA ARG A 90 2.54 0.10 -8.95
C ARG A 90 1.74 -0.61 -10.03
N ALA A 91 0.72 -1.37 -9.63
CA ALA A 91 -0.06 -2.10 -10.62
C ALA A 91 -1.00 -1.19 -11.37
N VAL A 92 -1.54 -0.18 -10.69
CA VAL A 92 -2.31 0.86 -11.38
C VAL A 92 -1.43 1.62 -12.34
N ALA A 93 -0.22 1.99 -11.90
CA ALA A 93 0.70 2.69 -12.77
C ALA A 93 0.97 1.88 -14.03
N PHE A 94 1.25 0.58 -13.89
CA PHE A 94 1.48 -0.27 -15.05
C PHE A 94 0.23 -0.55 -15.89
N ASN A 95 -0.94 -0.03 -15.50
CA ASN A 95 -2.20 -0.20 -16.22
C ASN A 95 -2.74 -1.63 -16.17
N LYS A 96 -2.24 -2.49 -15.27
CA LYS A 96 -2.70 -3.87 -15.19
C LYS A 96 -4.19 -3.95 -14.84
N ARG A 97 -4.80 -5.09 -15.19
CA ARG A 97 -6.19 -5.38 -14.78
C ARG A 97 -6.19 -5.92 -13.35
N ILE A 98 -7.08 -5.40 -12.50
CA ILE A 98 -6.93 -5.54 -11.06
C ILE A 98 -8.25 -6.01 -10.42
N LEU A 99 -8.20 -7.11 -9.67
CA LEU A 99 -9.33 -7.57 -8.88
C LEU A 99 -8.95 -7.60 -7.39
N CYS A 100 -9.75 -6.91 -6.56
CA CYS A 100 -9.56 -6.91 -5.12
C CYS A 100 -10.73 -7.63 -4.44
N LEU A 101 -10.42 -8.34 -3.37
CA LEU A 101 -11.38 -9.14 -2.63
C LEU A 101 -11.40 -8.67 -1.18
N PHE A 102 -12.57 -8.27 -0.68
CA PHE A 102 -12.68 -7.76 0.68
C PHE A 102 -13.86 -8.43 1.41
N ARG A 103 -13.69 -8.65 2.73
CA ARG A 103 -14.72 -9.30 3.56
C ARG A 103 -15.34 -8.30 4.56
N PRO A 104 -16.52 -7.76 4.28
CA PRO A 104 -17.21 -6.95 5.29
C PRO A 104 -17.40 -7.63 6.64
N GLN A 105 -17.55 -8.95 6.68
CA GLN A 105 -17.70 -9.65 7.97
C GLN A 105 -16.55 -9.33 8.91
N SER A 106 -15.37 -9.05 8.37
CA SER A 106 -14.22 -8.78 9.22
C SER A 106 -14.46 -7.63 10.19
N GLY A 107 -15.42 -6.76 9.90
CA GLY A 107 -15.63 -5.57 10.67
C GLY A 107 -14.87 -4.35 10.22
N ARG A 108 -13.82 -4.52 9.42
CA ARG A 108 -13.05 -3.34 9.05
C ARG A 108 -13.78 -2.60 7.94
N VAL A 109 -13.32 -1.38 7.67
CA VAL A 109 -13.79 -0.56 6.55
C VAL A 109 -12.64 -0.39 5.56
N LEU A 110 -12.80 -0.99 4.37
CA LEU A 110 -11.77 -0.90 3.35
C LEU A 110 -11.33 0.54 3.18
N SER A 111 -10.03 0.74 3.03
CA SER A 111 -9.49 2.08 2.84
C SER A 111 -10.15 2.75 1.65
N ALA A 112 -10.30 4.07 1.73
CA ALA A 112 -10.89 4.81 0.62
C ALA A 112 -9.97 4.87 -0.60
N MET A 113 -8.66 4.90 -0.39
CA MET A 113 -7.73 4.80 -1.49
C MET A 113 -7.92 3.51 -2.29
N ILE A 114 -8.34 2.41 -1.65
CA ILE A 114 -8.61 1.19 -2.43
C ILE A 114 -10.02 1.23 -3.00
N ARG A 115 -11.01 1.43 -2.12
CA ARG A 115 -12.42 1.39 -2.50
C ARG A 115 -12.70 2.31 -3.67
N GLY A 116 -12.09 3.49 -3.66
CA GLY A 116 -12.30 4.49 -4.68
C GLY A 116 -11.27 4.58 -5.79
N ALA A 117 -10.32 3.66 -5.87
CA ALA A 117 -9.58 3.51 -7.12
C ALA A 117 -10.33 2.62 -8.11
N ALA A 118 -11.42 2.00 -7.65
CA ALA A 118 -12.22 1.12 -8.49
C ALA A 118 -12.96 1.92 -9.56
N ASP A 119 -12.99 1.38 -10.78
CA ASP A 119 -13.74 2.00 -11.85
C ASP A 119 -14.84 1.10 -12.41
N GLY A 120 -14.97 -0.13 -11.93
CA GLY A 120 -15.99 -1.04 -12.38
C GLY A 120 -15.61 -1.94 -13.52
N SER A 121 -14.36 -1.87 -14.01
CA SER A 121 -13.92 -2.88 -14.98
C SER A 121 -12.43 -3.22 -14.87
N ARG A 122 -11.58 -2.30 -15.32
CA ARG A 122 -10.14 -2.51 -15.26
C ARG A 122 -9.67 -2.76 -13.82
N PHE A 123 -10.30 -2.09 -12.85
CA PHE A 123 -10.01 -2.22 -11.43
C PHE A 123 -11.36 -2.53 -10.79
N GLN A 124 -11.46 -3.66 -10.11
CA GLN A 124 -12.71 -4.01 -9.46
C GLN A 124 -12.46 -4.45 -8.03
N VAL A 125 -13.48 -4.22 -7.20
CA VAL A 125 -13.46 -4.55 -5.78
C VAL A 125 -14.76 -5.27 -5.47
N TRP A 126 -14.68 -6.51 -5.01
CA TRP A 126 -15.86 -7.33 -4.73
C TRP A 126 -15.87 -7.74 -3.26
N ASP A 127 -16.95 -7.39 -2.57
CA ASP A 127 -17.20 -7.86 -1.23
C ASP A 127 -17.68 -9.32 -1.25
N TYR A 128 -17.26 -10.11 -0.26
CA TYR A 128 -17.63 -11.51 -0.30
C TYR A 128 -17.58 -12.10 1.10
N GLU A 129 -18.20 -13.28 1.22
CA GLU A 129 -18.15 -14.10 2.42
C GLU A 129 -17.09 -15.17 2.19
N GLU A 130 -16.29 -15.45 3.22
CA GLU A 130 -15.06 -16.22 2.98
C GLU A 130 -15.34 -17.53 2.27
N GLY A 131 -16.48 -18.17 2.58
CA GLY A 131 -16.79 -19.49 2.07
C GLY A 131 -17.09 -19.57 0.58
N GLU A 132 -17.40 -18.45 -0.11
CA GLU A 132 -17.77 -18.52 -1.52
C GLU A 132 -16.70 -17.92 -2.44
N VAL A 133 -15.43 -17.91 -2.01
CA VAL A 133 -14.38 -17.27 -2.78
C VAL A 133 -14.09 -18.06 -4.08
N GLU A 134 -14.15 -19.39 -4.04
CA GLU A 134 -13.92 -20.18 -5.25
C GLU A 134 -15.00 -19.88 -6.28
N ALA A 135 -16.25 -19.89 -5.82
CA ALA A 135 -17.37 -19.51 -6.66
C ALA A 135 -17.09 -18.21 -7.39
N LEU A 136 -16.94 -17.11 -6.62
CA LEU A 136 -16.62 -15.81 -7.22
C LEU A 136 -15.48 -15.88 -8.19
N LEU A 137 -14.41 -16.58 -7.82
CA LEU A 137 -13.25 -16.66 -8.69
C LEU A 137 -13.61 -17.28 -10.03
N ASP A 138 -14.38 -18.38 -10.01
CA ASP A 138 -14.87 -19.02 -11.24
C ASP A 138 -15.56 -18.01 -12.14
N ARG A 139 -16.38 -17.13 -11.55
CA ARG A 139 -17.21 -16.24 -12.34
C ARG A 139 -16.38 -15.17 -13.02
N TYR A 140 -15.29 -14.73 -12.37
CA TYR A 140 -14.44 -13.68 -12.94
C TYR A 140 -13.59 -14.22 -14.10
N PHE A 141 -13.10 -15.44 -14.00
CA PHE A 141 -12.12 -15.98 -14.95
C PHE A 141 -12.79 -16.93 -15.95
N GLU A 142 -13.81 -16.42 -16.66
CA GLU A 142 -14.62 -17.32 -17.49
C GLU A 142 -14.88 -16.87 -18.93
N PRO B 4 7.18 25.02 -1.36
CA PRO B 4 7.47 23.64 -0.95
C PRO B 4 6.19 22.88 -0.64
N ALA B 5 5.66 22.13 -1.61
CA ALA B 5 4.41 21.40 -1.43
C ALA B 5 4.66 20.03 -0.82
N LEU B 6 3.98 19.72 0.28
CA LEU B 6 4.23 18.55 1.09
C LEU B 6 2.98 17.67 1.18
N TYR B 7 3.13 16.38 0.91
CA TYR B 7 2.05 15.41 1.14
C TYR B 7 2.44 14.48 2.29
N PHE B 8 1.56 14.37 3.29
CA PHE B 8 1.72 13.43 4.39
C PHE B 8 0.77 12.25 4.24
N CYS B 9 1.26 11.05 4.54
CA CYS B 9 0.40 9.88 4.70
C CYS B 9 0.63 9.15 6.02
N GLY B 10 -0.45 8.73 6.67
CA GLY B 10 -0.37 7.90 7.85
C GLY B 10 -1.66 7.13 8.01
N SER B 11 -1.64 6.13 8.89
CA SER B 11 -2.75 5.19 8.95
C SER B 11 -4.02 5.80 9.55
N ILE B 12 -5.17 5.36 8.98
CA ILE B 12 -6.50 5.88 9.27
C ILE B 12 -7.51 4.72 9.34
N ARG B 13 -7.97 4.22 8.18
CA ARG B 13 -8.88 3.05 8.16
C ARG B 13 -8.17 1.71 8.42
N GLY B 14 -6.85 1.69 8.47
CA GLY B 14 -6.10 0.50 8.87
C GLY B 14 -5.49 0.63 10.25
N GLY B 15 -6.01 1.54 11.08
CA GLY B 15 -5.50 1.80 12.41
C GLY B 15 -5.24 3.28 12.72
N ARG B 16 -5.60 3.71 13.93
CA ARG B 16 -5.40 5.10 14.33
C ARG B 16 -4.62 5.21 15.63
N GLU B 17 -3.85 4.18 15.96
CA GLU B 17 -3.06 4.18 17.19
C GLU B 17 -2.05 5.33 17.24
N ASP B 18 -1.51 5.74 16.10
CA ASP B 18 -0.47 6.76 16.03
C ASP B 18 -1.03 8.18 15.78
N ARG B 19 -2.30 8.45 16.09
CA ARG B 19 -2.87 9.75 15.74
C ARG B 19 -2.07 10.89 16.34
N THR B 20 -1.70 10.78 17.63
CA THR B 20 -0.93 11.86 18.25
C THR B 20 0.37 12.10 17.49
N LEU B 21 1.07 11.02 17.15
CA LEU B 21 2.33 11.16 16.44
C LEU B 21 2.13 11.77 15.07
N TYR B 22 1.01 11.47 14.39
CA TYR B 22 0.75 12.12 13.10
C TYR B 22 0.63 13.64 13.26
N GLU B 23 -0.12 14.10 14.28
CA GLU B 23 -0.21 15.53 14.56
C GLU B 23 1.16 16.18 14.76
N ARG B 24 2.05 15.51 15.49
CA ARG B 24 3.38 16.07 15.66
C ARG B 24 4.09 16.22 14.32
N ILE B 25 3.98 15.21 13.44
CA ILE B 25 4.71 15.31 12.17
C ILE B 25 4.15 16.43 11.31
N VAL B 26 2.83 16.56 11.25
CA VAL B 26 2.20 17.60 10.44
C VAL B 26 2.60 19.00 10.90
N SER B 27 2.49 19.28 12.20
CA SER B 27 2.90 20.57 12.76
C SER B 27 4.29 20.94 12.29
N ARG B 28 5.24 20.03 12.47
CA ARG B 28 6.60 20.33 12.03
C ARG B 28 6.65 20.52 10.52
N LEU B 29 5.98 19.67 9.75
CA LEU B 29 5.98 19.79 8.28
C LEU B 29 5.60 21.21 7.84
N ARG B 30 4.75 21.90 8.63
CA ARG B 30 4.21 23.19 8.22
C ARG B 30 5.25 24.29 8.25
N ARG B 31 6.17 24.26 9.23
CA ARG B 31 7.31 25.16 9.16
C ARG B 31 7.90 25.16 7.75
N PHE B 32 8.16 23.97 7.21
CA PHE B 32 8.94 23.81 6.01
C PHE B 32 8.14 23.99 4.72
N GLY B 33 6.80 23.90 4.75
CA GLY B 33 6.07 24.15 3.51
C GLY B 33 4.56 24.03 3.64
N THR B 34 3.89 24.13 2.47
CA THR B 34 2.46 23.87 2.35
C THR B 34 2.15 22.39 2.58
N VAL B 35 1.24 22.10 3.49
CA VAL B 35 0.84 20.74 3.79
C VAL B 35 -0.55 20.48 3.20
N LEU B 36 -0.67 19.45 2.35
CA LEU B 36 -1.95 19.02 1.78
C LEU B 36 -2.41 17.71 2.42
N THR B 37 -3.37 17.81 3.34
CA THR B 37 -3.99 16.65 3.99
C THR B 37 -5.13 17.14 4.87
N GLY B 55 -18.00 10.78 -1.49
CA GLY B 55 -17.67 9.41 -1.87
C GLY B 55 -16.18 9.05 -1.83
N ASP B 56 -15.89 7.78 -1.61
CA ASP B 56 -14.51 7.32 -1.60
C ASP B 56 -13.79 7.65 -2.91
N ARG B 57 -14.53 7.84 -4.00
CA ARG B 57 -13.86 8.15 -5.27
C ARG B 57 -13.44 9.61 -5.34
N LEU B 58 -14.22 10.51 -4.72
CA LEU B 58 -13.75 11.87 -4.57
C LEU B 58 -12.40 11.89 -3.84
N ILE B 59 -12.35 11.20 -2.69
CA ILE B 59 -11.12 11.14 -1.90
C ILE B 59 -9.97 10.61 -2.74
N HIS B 60 -10.21 9.49 -3.44
CA HIS B 60 -9.12 8.93 -4.23
C HIS B 60 -8.65 9.91 -5.28
N GLU B 61 -9.60 10.57 -5.96
CA GLU B 61 -9.20 11.47 -7.03
C GLU B 61 -8.59 12.75 -6.47
N GLN B 62 -9.23 13.33 -5.45
CA GLN B 62 -8.69 14.55 -4.83
C GLN B 62 -7.30 14.31 -4.26
N ASP B 63 -7.11 13.21 -3.53
CA ASP B 63 -5.80 12.87 -2.99
C ASP B 63 -4.79 12.62 -4.09
N LEU B 64 -5.17 11.84 -5.10
CA LEU B 64 -4.27 11.65 -6.24
C LEU B 64 -3.86 12.97 -6.85
N GLU B 65 -4.72 14.00 -6.77
CA GLU B 65 -4.34 15.32 -7.26
C GLU B 65 -3.20 15.92 -6.43
N TRP B 66 -3.42 16.08 -5.11
CA TRP B 66 -2.39 16.65 -4.25
C TRP B 66 -1.09 15.87 -4.34
N LEU B 67 -1.18 14.53 -4.27
CA LEU B 67 -0.03 13.66 -4.53
C LEU B 67 0.74 14.09 -5.79
N GLN B 68 0.02 14.37 -6.88
CA GLN B 68 0.67 14.86 -8.10
C GLN B 68 1.29 16.24 -7.90
N GLN B 69 0.52 17.19 -7.37
CA GLN B 69 1.04 18.54 -7.17
C GLN B 69 2.10 18.60 -6.08
N ALA B 70 2.44 17.47 -5.46
CA ALA B 70 3.39 17.48 -4.37
C ALA B 70 4.82 17.59 -4.89
N ASP B 71 5.72 18.05 -4.02
CA ASP B 71 7.14 17.96 -4.29
C ASP B 71 7.87 16.97 -3.39
N VAL B 72 7.27 16.54 -2.28
CA VAL B 72 7.84 15.50 -1.44
C VAL B 72 6.74 14.86 -0.60
N VAL B 73 6.66 13.53 -0.67
CA VAL B 73 5.67 12.76 0.05
C VAL B 73 6.34 12.20 1.28
N VAL B 74 5.83 12.55 2.45
CA VAL B 74 6.30 12.05 3.74
C VAL B 74 5.30 11.02 4.23
N ALA B 75 5.75 9.82 4.51
CA ALA B 75 4.87 8.81 5.06
C ALA B 75 5.44 8.32 6.38
N GLU B 76 4.56 8.17 7.36
CA GLU B 76 4.87 7.46 8.60
C GLU B 76 4.31 6.06 8.43
N VAL B 77 5.20 5.05 8.46
CA VAL B 77 4.86 3.69 7.98
C VAL B 77 4.98 2.63 9.09
N THR B 78 4.96 3.04 10.35
CA THR B 78 5.06 2.08 11.44
C THR B 78 3.84 1.16 11.49
N GLN B 79 2.72 1.67 11.28
CA GLN B 79 1.54 0.84 11.36
C GLN B 79 1.09 0.39 9.97
N PRO B 80 0.78 -0.89 9.76
CA PRO B 80 0.38 -1.33 8.41
C PRO B 80 -0.92 -0.71 7.94
N SER B 81 -0.91 -0.29 6.67
CA SER B 81 -2.04 0.37 6.03
C SER B 81 -2.05 0.16 4.50
N LEU B 82 -3.20 -0.27 3.97
CA LEU B 82 -3.33 -0.35 2.51
C LEU B 82 -3.18 1.02 1.85
N GLY B 83 -3.76 2.07 2.45
CA GLY B 83 -3.77 3.38 1.78
C GLY B 83 -2.41 4.07 1.77
N VAL B 84 -1.64 3.95 2.85
CA VAL B 84 -0.29 4.50 2.82
C VAL B 84 0.57 3.76 1.79
N GLY B 85 0.40 2.45 1.70
CA GLY B 85 1.16 1.69 0.72
C GLY B 85 0.76 2.04 -0.70
N TYR B 86 -0.54 2.23 -0.93
CA TYR B 86 -1.02 2.62 -2.25
C TYR B 86 -0.44 3.98 -2.67
N GLU B 87 -0.77 5.04 -1.91
CA GLU B 87 -0.16 6.35 -2.06
C GLU B 87 1.33 6.27 -2.33
N LEU B 88 2.03 5.39 -1.62
CA LEU B 88 3.46 5.26 -1.86
C LEU B 88 3.73 4.63 -3.22
N GLY B 89 2.96 3.61 -3.59
CA GLY B 89 3.14 3.03 -4.91
C GLY B 89 2.99 4.08 -5.99
N ARG B 90 1.96 4.92 -5.88
CA ARG B 90 1.70 5.90 -6.93
C ARG B 90 2.79 6.97 -6.96
N ALA B 91 3.30 7.38 -5.80
CA ALA B 91 4.34 8.39 -5.74
C ALA B 91 5.66 7.88 -6.34
N VAL B 92 6.00 6.62 -6.13
CA VAL B 92 7.18 6.10 -6.84
C VAL B 92 6.95 6.19 -8.34
N ALA B 93 5.70 6.03 -8.79
CA ALA B 93 5.43 6.04 -10.23
C ALA B 93 5.29 7.45 -10.77
N PHE B 94 5.00 8.45 -9.91
CA PHE B 94 5.09 9.87 -10.24
C PHE B 94 6.51 10.43 -10.01
N ASN B 95 7.50 9.54 -9.96
CA ASN B 95 8.88 9.84 -9.61
C ASN B 95 9.02 11.00 -8.60
N LYS B 96 8.05 11.08 -7.69
CA LYS B 96 8.13 12.10 -6.62
C LYS B 96 9.16 11.66 -5.58
N ARG B 97 9.68 12.62 -4.82
CA ARG B 97 10.65 12.33 -3.77
C ARG B 97 9.89 11.95 -2.49
N ILE B 98 10.40 10.91 -1.80
CA ILE B 98 9.67 10.23 -0.74
C ILE B 98 10.56 10.09 0.48
N LEU B 99 10.00 10.27 1.68
CA LEU B 99 10.69 10.02 2.94
C LEU B 99 9.75 9.25 3.88
N CYS B 100 10.17 8.07 4.35
CA CYS B 100 9.35 7.20 5.19
C CYS B 100 9.91 7.14 6.60
N LEU B 101 9.05 7.18 7.60
CA LEU B 101 9.45 7.21 9.01
C LEU B 101 8.98 5.93 9.70
N PHE B 102 9.92 5.15 10.28
CA PHE B 102 9.60 3.84 10.84
C PHE B 102 10.06 3.66 12.28
N ARG B 103 9.22 3.02 13.09
CA ARG B 103 9.53 2.97 14.52
C ARG B 103 9.86 1.55 14.97
N PRO B 104 11.12 1.19 15.10
CA PRO B 104 11.45 -0.18 15.56
C PRO B 104 10.85 -0.52 16.92
N GLN B 105 10.61 0.48 17.77
CA GLN B 105 9.94 0.28 19.06
C GLN B 105 8.53 -0.33 18.90
N SER B 106 7.94 -0.24 17.71
CA SER B 106 6.68 -0.92 17.47
C SER B 106 6.80 -2.43 17.54
N GLY B 107 8.00 -2.98 17.34
CA GLY B 107 8.13 -4.42 17.29
C GLY B 107 7.75 -5.04 15.96
N ARG B 108 7.26 -4.26 14.99
CA ARG B 108 6.94 -4.78 13.68
C ARG B 108 8.18 -4.84 12.83
N VAL B 109 8.23 -5.78 11.91
CA VAL B 109 9.19 -5.68 10.82
C VAL B 109 8.52 -4.95 9.68
N LEU B 110 9.13 -3.86 9.23
CA LEU B 110 8.56 -3.10 8.13
C LEU B 110 8.54 -3.94 6.86
N SER B 111 7.52 -3.70 6.03
CA SER B 111 7.35 -4.39 4.75
C SER B 111 8.58 -4.31 3.88
N ALA B 112 8.92 -5.46 3.27
CA ALA B 112 10.03 -5.48 2.31
C ALA B 112 9.73 -4.65 1.08
N MET B 113 8.46 -4.39 0.77
CA MET B 113 8.12 -3.51 -0.34
C MET B 113 8.51 -2.08 -0.04
N ILE B 114 8.70 -1.73 1.22
CA ILE B 114 9.04 -0.38 1.61
C ILE B 114 10.53 -0.24 1.89
N ARG B 115 11.08 -1.16 2.68
CA ARG B 115 12.50 -1.11 2.94
C ARG B 115 13.28 -1.31 1.64
N GLY B 116 12.75 -2.11 0.72
CA GLY B 116 13.45 -2.43 -0.52
C GLY B 116 13.13 -1.55 -1.71
N ALA B 117 12.01 -0.80 -1.65
CA ALA B 117 11.85 0.26 -2.64
C ALA B 117 12.82 1.40 -2.43
N ALA B 118 13.60 1.37 -1.35
CA ALA B 118 14.41 2.51 -0.98
C ALA B 118 15.70 2.52 -1.77
N ASP B 119 16.16 3.73 -2.11
CA ASP B 119 17.40 3.89 -2.87
C ASP B 119 18.39 4.81 -2.16
N GLY B 120 18.12 5.18 -0.91
CA GLY B 120 19.02 6.01 -0.12
C GLY B 120 19.06 7.45 -0.56
N SER B 121 18.39 7.74 -1.68
CA SER B 121 18.51 9.03 -2.34
C SER B 121 17.13 9.66 -2.54
N ARG B 122 16.45 9.33 -3.64
CA ARG B 122 15.12 9.88 -3.90
C ARG B 122 14.02 9.16 -3.10
N PHE B 123 14.29 7.97 -2.54
CA PHE B 123 13.37 7.23 -1.70
C PHE B 123 14.10 6.80 -0.42
N GLN B 124 13.72 7.39 0.72
CA GLN B 124 14.43 7.14 1.97
C GLN B 124 13.51 6.59 3.04
N VAL B 125 14.06 5.66 3.84
CA VAL B 125 13.42 5.07 5.00
C VAL B 125 14.33 5.27 6.21
N TRP B 126 13.91 6.09 7.18
CA TRP B 126 14.66 6.31 8.42
C TRP B 126 13.93 5.68 9.60
N ASP B 127 14.62 4.81 10.34
CA ASP B 127 14.16 4.33 11.64
C ASP B 127 14.45 5.36 12.71
N TYR B 128 13.43 5.83 13.42
CA TYR B 128 13.63 6.81 14.47
C TYR B 128 13.00 6.32 15.76
N GLU B 129 13.28 7.05 16.83
CA GLU B 129 12.66 6.85 18.13
C GLU B 129 11.62 7.96 18.34
N GLU B 130 10.48 7.63 18.95
CA GLU B 130 9.34 8.56 19.02
C GLU B 130 9.76 9.97 19.43
N GLY B 131 10.73 10.08 20.37
CA GLY B 131 11.13 11.39 20.87
C GLY B 131 11.78 12.28 19.83
N GLU B 132 12.68 11.72 19.02
CA GLU B 132 13.52 12.48 18.09
C GLU B 132 12.84 12.82 16.75
N VAL B 133 11.53 12.62 16.58
CA VAL B 133 10.94 12.81 15.25
C VAL B 133 11.13 14.25 14.77
N GLU B 134 11.02 15.21 15.68
CA GLU B 134 11.14 16.61 15.28
C GLU B 134 12.54 16.89 14.76
N ALA B 135 13.55 16.33 15.44
CA ALA B 135 14.93 16.51 15.04
C ALA B 135 15.17 15.91 13.66
N LEU B 136 14.72 14.66 13.42
CA LEU B 136 14.88 14.05 12.10
C LEU B 136 14.32 14.92 11.00
N LEU B 137 13.10 15.41 11.19
CA LEU B 137 12.46 16.21 10.16
C LEU B 137 13.22 17.48 9.90
N ASP B 138 13.81 18.08 10.95
CA ASP B 138 14.65 19.25 10.74
C ASP B 138 15.88 18.91 9.90
N ARG B 139 16.59 17.81 10.21
CA ARG B 139 17.73 17.44 9.38
C ARG B 139 17.30 17.25 7.92
N TYR B 140 16.25 16.49 7.67
CA TYR B 140 15.80 16.23 6.27
C TYR B 140 15.57 17.53 5.55
N PHE B 141 14.91 18.48 6.21
CA PHE B 141 14.57 19.78 5.57
C PHE B 141 15.62 20.82 5.96
N GLU B 142 16.55 21.07 5.03
CA GLU B 142 17.91 21.59 5.34
C GLU B 142 17.99 21.98 6.81
C11 A1BBF C . 6.97 -11.37 -0.46
C10 A1BBF C . 8.00 -11.24 1.62
C01 A1BBF C . 2.56 -9.79 -0.62
C02 A1BBF C . 2.86 -8.51 -0.12
C03 A1BBF C . 2.79 -8.50 1.46
C04 A1BBF C . 4.27 -8.16 -0.50
C05 A1BBF C . 5.88 -9.36 -1.52
C06 A1BBF C . 6.68 -10.00 -0.39
C07 A1BBF C . 7.05 -9.29 0.72
C08 A1BBF C . 7.71 -9.89 1.73
C09 A1BBF C . 8.13 -9.11 2.98
C12 A1BBF C . 3.74 -10.25 -1.45
N01 A1BBF C . 4.82 -9.38 -0.99
N02 A1BBF C . 7.64 -11.98 0.55
O01 A1BBF C . 1.38 -9.67 -1.47
O02 A1BBF C . 3.35 -7.31 1.92
O03 A1BBF C . 2.42 -7.60 4.33
O04 A1BBF C . 4.66 -8.03 4.06
O05 A1BBF C . 3.85 -5.81 3.99
O06 A1BBF C . 7.16 -8.17 3.35
P01 A1BBF C . 3.58 -7.18 3.55
C11 A1BBF D . -8.45 10.49 3.65
C10 A1BBF D . -10.19 9.19 4.59
C01 A1BBF D . -3.80 8.69 4.65
C02 A1BBF D . -4.03 7.45 4.01
C03 A1BBF D . -4.49 6.27 5.03
C04 A1BBF D . -5.17 7.65 3.05
C05 A1BBF D . -6.42 9.40 2.60
C06 A1BBF D . -7.79 9.32 3.29
C07 A1BBF D . -8.35 8.11 3.60
C08 A1BBF D . -9.53 8.03 4.25
C09 A1BBF D . -10.16 6.67 4.59
C12 A1BBF D . -4.60 9.76 3.92
N01 A1BBF D . -5.68 8.94 3.39
N02 A1BBF D . -9.64 10.39 4.28
O01 A1BBF D . -2.37 9.01 4.56
O02 A1BBF D . -4.99 5.13 4.34
O03 A1BBF D . -5.48 3.80 6.54
O04 A1BBF D . -7.31 4.55 5.27
O05 A1BBF D . -5.99 2.68 4.67
O06 A1BBF D . -9.26 5.59 4.39
P01 A1BBF D . -5.93 4.06 5.17
#